data_5ZHE
#
_entry.id   5ZHE
#
_cell.length_a   63.713
_cell.length_b   68.449
_cell.length_c   109.253
_cell.angle_alpha   90.00
_cell.angle_beta   90.00
_cell.angle_gamma   90.00
#
_symmetry.space_group_name_H-M   'P 21 21 21'
#
loop_
_entity.id
_entity.type
_entity.pdbx_description
1 polymer 'Ditrans,polycis-undecaprenyl-diphosphate synthase ((2E,6E)-farnesyl-diphosphate specific)'
2 non-polymer '2-hydroxy-6-(tetradecyloxy)benzoic acid'
3 water water
#
_entity_poly.entity_id   1
_entity_poly.type   'polypeptide(L)'
_entity_poly.pdbx_seq_one_letter_code
;MMLSATQPLSEKLPAHGCRHVAIIMDGNGRWAKKQGKIRAFGHKAGAKSVRRAVSFAANNGIEALTLYAFSSENWNRPAQ
EVSALMELFVWALDSEVKSLHRHNVRLRIIGDTSRFNSRLQERIRKSEALTAGNTGLTLNIAANYGGRWDIVQGVRQLAE
KVQQGNLQPDQIDEEMLNQHVCMHELAPVDLVIRTGGEHRISNFLLWQIAYAELYFTDVLWPDFDEQDFEGALNAFANRE
RRFGGTEPGDETA
;
_entity_poly.pdbx_strand_id   A,B
#
# COMPACT_ATOMS: atom_id res chain seq x y z
N PRO A 14 12.41 7.31 21.95
CA PRO A 14 11.35 6.38 21.62
C PRO A 14 10.07 6.49 22.44
N ALA A 15 9.69 7.69 22.87
CA ALA A 15 8.31 7.93 23.36
C ALA A 15 7.29 7.73 22.24
N HIS A 16 7.69 8.23 21.07
CA HIS A 16 6.92 8.06 19.86
C HIS A 16 6.92 6.60 19.41
N GLY A 17 7.90 5.80 19.83
CA GLY A 17 7.92 4.36 19.55
C GLY A 17 8.09 3.99 18.08
N CYS A 18 8.63 4.91 17.28
CA CYS A 18 8.70 4.72 15.84
C CYS A 18 10.10 4.28 15.43
N ARG A 19 10.23 3.08 14.90
CA ARG A 19 11.53 2.51 14.52
C ARG A 19 11.98 2.78 13.07
N HIS A 20 11.02 2.66 12.13
CA HIS A 20 11.28 2.79 10.73
C HIS A 20 10.26 3.74 10.08
N VAL A 21 10.73 4.94 9.77
CA VAL A 21 10.04 5.92 8.92
C VAL A 21 10.44 5.88 7.43
N ALA A 22 9.46 6.00 6.56
CA ALA A 22 9.70 6.06 5.08
C ALA A 22 9.06 7.33 4.57
N ILE A 23 9.72 7.99 3.64
CA ILE A 23 9.27 9.29 3.21
C ILE A 23 9.26 9.39 1.70
N ILE A 24 8.14 9.85 1.18
CA ILE A 24 8.01 10.24 -0.26
C ILE A 24 8.17 11.74 -0.27
N MET A 25 9.32 12.19 -0.74
CA MET A 25 9.75 13.58 -0.74
C MET A 25 9.24 14.33 -1.99
N ASP A 26 7.98 14.71 -2.00
CA ASP A 26 7.43 15.39 -3.14
C ASP A 26 7.28 16.87 -2.79
N GLY A 27 7.33 17.70 -3.84
CA GLY A 27 7.06 19.12 -3.76
C GLY A 27 8.24 20.04 -4.12
N ASN A 28 9.39 19.49 -4.52
CA ASN A 28 10.57 20.32 -4.82
C ASN A 28 10.34 21.32 -5.94
N GLY A 29 9.82 20.80 -7.04
CA GLY A 29 9.48 21.56 -8.24
C GLY A 29 8.49 22.68 -7.95
N ARG A 30 7.38 22.32 -7.34
CA ARG A 30 6.38 23.34 -6.99
C ARG A 30 6.94 24.42 -6.08
N TRP A 31 7.79 24.01 -5.14
CA TRP A 31 8.40 24.94 -4.19
C TRP A 31 9.22 25.99 -4.93
N ALA A 32 9.95 25.54 -5.92
CA ALA A 32 10.77 26.45 -6.72
C ALA A 32 9.86 27.37 -7.55
N LYS A 33 8.79 26.83 -8.13
CA LYS A 33 7.95 27.62 -9.01
C LYS A 33 7.23 28.70 -8.26
N LYS A 34 6.74 28.39 -7.07
CA LYS A 34 6.09 29.40 -6.25
C LYS A 34 6.96 30.61 -6.00
N GLN A 35 8.27 30.40 -5.99
CA GLN A 35 9.24 31.51 -5.91
C GLN A 35 9.74 32.08 -7.25
N GLY A 36 9.11 31.68 -8.35
CA GLY A 36 9.60 32.01 -9.68
C GLY A 36 11.01 31.51 -9.97
N LYS A 37 11.43 30.42 -9.34
CA LYS A 37 12.73 29.84 -9.64
C LYS A 37 12.60 28.58 -10.46
N ILE A 38 13.66 28.20 -11.15
CA ILE A 38 13.61 26.98 -11.93
C ILE A 38 13.72 25.74 -11.06
N ARG A 39 13.35 24.61 -11.62
CA ARG A 39 13.36 23.31 -10.95
C ARG A 39 14.61 23.01 -10.14
N ALA A 40 15.78 23.26 -10.69
CA ALA A 40 17.02 22.99 -10.01
C ALA A 40 17.20 23.61 -8.64
N PHE A 41 16.67 24.80 -8.42
CA PHE A 41 16.75 25.41 -7.15
C PHE A 41 15.96 24.58 -6.12
N GLY A 42 14.81 24.07 -6.50
CA GLY A 42 14.02 23.24 -5.63
C GLY A 42 14.74 21.99 -5.22
N HIS A 43 15.45 21.37 -6.13
CA HIS A 43 16.19 20.17 -5.85
C HIS A 43 17.32 20.39 -4.89
N LYS A 44 17.95 21.55 -4.97
CA LYS A 44 19.03 21.86 -4.06
C LYS A 44 18.44 22.12 -2.67
N ALA A 45 17.28 22.73 -2.64
CA ALA A 45 16.58 23.00 -1.41
C ALA A 45 16.10 21.71 -0.79
N GLY A 46 15.70 20.76 -1.60
CA GLY A 46 15.28 19.47 -1.13
C GLY A 46 16.43 18.69 -0.58
N ALA A 47 17.62 18.87 -1.13
CA ALA A 47 18.80 18.19 -0.66
C ALA A 47 19.13 18.63 0.75
N LYS A 48 18.96 19.91 1.01
CA LYS A 48 19.18 20.44 2.32
C LYS A 48 18.14 19.87 3.29
N SER A 49 16.91 19.71 2.83
CA SER A 49 15.85 19.13 3.60
C SER A 49 16.17 17.68 3.91
N VAL A 50 16.72 16.96 2.94
CA VAL A 50 17.20 15.60 3.20
C VAL A 50 18.15 15.56 4.40
N ARG A 51 19.17 16.42 4.42
CA ARG A 51 20.21 16.35 5.46
C ARG A 51 19.63 16.68 6.80
N ARG A 52 18.80 17.72 6.84
CA ARG A 52 17.98 17.99 8.00
C ARG A 52 17.14 16.80 8.48
N ALA A 53 16.51 16.08 7.58
CA ALA A 53 15.68 14.93 8.03
C ALA A 53 16.54 13.79 8.55
N VAL A 54 17.63 13.54 7.85
CA VAL A 54 18.51 12.45 8.26
C VAL A 54 19.06 12.71 9.66
N SER A 55 19.47 13.94 9.92
CA SER A 55 19.95 14.33 11.23
C SER A 55 18.90 14.08 12.26
N PHE A 56 17.71 14.58 12.01
CA PHE A 56 16.62 14.44 12.91
C PHE A 56 16.35 13.00 13.25
N ALA A 57 16.30 12.15 12.26
CA ALA A 57 16.07 10.76 12.52
C ALA A 57 17.14 10.13 13.37
N ALA A 58 18.38 10.48 13.12
CA ALA A 58 19.49 9.93 13.86
C ALA A 58 19.52 10.43 15.29
N ASN A 59 19.04 11.62 15.53
CA ASN A 59 19.03 12.15 16.86
C ASN A 59 17.74 11.90 17.60
N ASN A 60 16.89 11.02 17.11
CA ASN A 60 15.66 10.75 17.80
C ASN A 60 15.44 9.26 17.92
N GLY A 61 16.50 8.51 17.82
CA GLY A 61 16.41 7.10 17.97
C GLY A 61 15.63 6.35 16.94
N ILE A 62 15.58 6.87 15.73
CA ILE A 62 14.90 6.16 14.69
C ILE A 62 15.91 5.17 14.20
N GLU A 63 15.50 3.97 13.99
CA GLU A 63 16.36 2.92 13.57
C GLU A 63 16.59 2.85 12.07
N ALA A 64 15.60 3.29 11.31
CA ALA A 64 15.64 3.25 9.85
C ALA A 64 14.78 4.36 9.17
N LEU A 65 15.40 5.03 8.20
CA LEU A 65 14.80 6.07 7.45
C LEU A 65 15.00 5.70 5.97
N THR A 66 13.89 5.58 5.23
CA THR A 66 13.90 5.15 3.84
C THR A 66 13.29 6.27 3.00
N LEU A 67 14.09 6.80 2.05
CA LEU A 67 13.75 8.03 1.34
C LEU A 67 13.52 7.71 -0.13
N TYR A 68 12.42 8.22 -0.65
CA TYR A 68 12.04 8.02 -2.03
C TYR A 68 11.87 9.39 -2.66
N ALA A 69 12.76 9.70 -3.60
CA ALA A 69 12.70 10.98 -4.29
C ALA A 69 11.75 10.78 -5.47
N PHE A 70 10.67 11.54 -5.46
CA PHE A 70 9.62 11.39 -6.44
C PHE A 70 9.56 12.67 -7.30
N SER A 71 9.37 12.51 -8.62
CA SER A 71 9.28 13.61 -9.62
C SER A 71 8.39 14.82 -9.23
N ALA A 92 21.42 14.19 -9.49
CA ALA A 92 21.19 13.68 -8.15
C ALA A 92 22.52 13.67 -7.37
N LEU A 93 23.10 12.50 -7.05
CA LEU A 93 24.50 12.34 -6.57
C LEU A 93 24.98 13.00 -5.26
N ASP A 94 26.21 12.71 -4.81
CA ASP A 94 26.56 12.78 -3.37
C ASP A 94 28.04 12.98 -2.96
N SER A 95 28.26 13.78 -1.93
CA SER A 95 29.53 13.84 -1.21
C SER A 95 29.25 13.80 0.30
N GLU A 96 28.13 13.15 0.61
CA GLU A 96 27.54 13.12 1.93
C GLU A 96 28.07 11.88 2.62
N VAL A 97 28.62 10.95 1.84
CA VAL A 97 28.95 9.65 2.39
C VAL A 97 29.93 9.79 3.52
N LYS A 98 30.91 10.68 3.35
CA LYS A 98 31.94 10.93 4.37
C LYS A 98 31.28 11.34 5.66
N SER A 99 30.30 12.24 5.55
CA SER A 99 29.59 12.76 6.69
C SER A 99 28.71 11.69 7.36
N LEU A 100 28.02 10.91 6.53
CA LEU A 100 27.16 9.85 7.06
C LEU A 100 27.99 8.79 7.81
N HIS A 101 29.05 8.33 7.18
CA HIS A 101 29.93 7.36 7.77
C HIS A 101 30.48 7.82 9.12
N ARG A 102 30.72 9.14 9.22
CA ARG A 102 31.06 9.77 10.47
C ARG A 102 30.04 9.59 11.59
N HIS A 103 28.75 9.70 11.24
CA HIS A 103 27.67 9.60 12.24
C HIS A 103 27.15 8.17 12.38
N ASN A 104 27.99 7.21 12.03
CA ASN A 104 27.72 5.82 12.29
C ASN A 104 26.40 5.44 11.58
N VAL A 105 26.15 6.00 10.37
CA VAL A 105 24.94 5.73 9.61
C VAL A 105 25.33 4.66 8.62
N ARG A 106 24.49 3.64 8.48
CA ARG A 106 24.73 2.56 7.52
C ARG A 106 23.91 2.85 6.24
N LEU A 107 24.54 2.85 5.09
CA LEU A 107 23.85 3.31 3.89
C LEU A 107 23.54 2.19 2.92
N ARG A 108 22.29 2.21 2.45
CA ARG A 108 21.81 1.18 1.57
C ARG A 108 21.06 1.86 0.44
N ILE A 109 21.33 1.45 -0.78
CA ILE A 109 20.56 1.87 -1.92
C ILE A 109 19.63 0.74 -2.26
N ILE A 110 18.34 1.05 -2.44
CA ILE A 110 17.41 -0.01 -2.85
C ILE A 110 16.79 0.40 -4.16
N GLY A 111 16.64 -0.57 -5.03
CA GLY A 111 16.09 -0.37 -6.33
C GLY A 111 16.93 -1.11 -7.36
N ASP A 112 16.61 -0.90 -8.61
CA ASP A 112 17.32 -1.54 -9.70
C ASP A 112 18.50 -0.74 -10.19
N THR A 113 19.65 -1.04 -9.61
CA THR A 113 20.92 -0.40 -9.87
C THR A 113 21.63 -1.02 -11.08
N SER A 114 21.18 -2.19 -11.48
CA SER A 114 21.74 -2.94 -12.57
C SER A 114 21.98 -2.14 -13.82
N ARG A 115 21.05 -1.31 -14.19
CA ARG A 115 21.19 -0.56 -15.42
C ARG A 115 22.05 0.66 -15.37
N PHE A 116 22.44 1.06 -14.18
CA PHE A 116 23.25 2.24 -13.99
C PHE A 116 24.59 2.11 -14.69
N ASN A 117 25.09 3.20 -15.22
CA ASN A 117 26.40 3.21 -15.89
C ASN A 117 27.38 2.76 -14.85
N SER A 118 28.16 1.74 -15.18
CA SER A 118 29.08 1.10 -14.27
C SER A 118 30.02 1.88 -13.30
N ARG A 119 30.28 3.14 -13.54
CA ARG A 119 31.04 3.93 -12.61
C ARG A 119 30.12 4.09 -11.45
N LEU A 120 28.89 4.47 -11.73
CA LEU A 120 27.89 4.68 -10.70
C LEU A 120 27.72 3.47 -9.80
N GLN A 121 27.58 2.31 -10.39
CA GLN A 121 27.43 1.09 -9.61
C GLN A 121 28.55 0.81 -8.62
N GLU A 122 29.78 1.12 -8.97
CA GLU A 122 30.90 0.89 -8.10
C GLU A 122 30.93 1.88 -6.99
N ARG A 123 30.55 3.10 -7.30
CA ARG A 123 30.49 4.12 -6.29
C ARG A 123 29.48 3.72 -5.23
N ILE A 124 28.33 3.24 -5.66
CA ILE A 124 27.30 2.81 -4.75
C ILE A 124 27.83 1.66 -3.92
N ARG A 125 28.37 0.66 -4.60
CA ARG A 125 28.94 -0.48 -3.91
C ARG A 125 29.97 -0.06 -2.86
N LYS A 126 30.83 0.89 -3.21
CA LYS A 126 31.88 1.33 -2.31
C LYS A 126 31.30 2.08 -1.11
N SER A 127 30.32 2.92 -1.37
CA SER A 127 29.68 3.65 -0.25
C SER A 127 28.97 2.69 0.71
N GLU A 128 28.35 1.67 0.14
CA GLU A 128 27.62 0.68 0.96
C GLU A 128 28.66 -0.10 1.76
N ALA A 129 29.73 -0.53 1.09
CA ALA A 129 30.74 -1.37 1.76
C ALA A 129 31.39 -0.57 2.89
N LEU A 130 31.59 0.73 2.67
CA LEU A 130 32.20 1.55 3.69
C LEU A 130 31.41 1.59 4.99
N THR A 131 30.08 1.76 4.86
CA THR A 131 29.26 1.95 6.03
C THR A 131 28.57 0.64 6.48
N ALA A 132 28.80 -0.44 5.76
CA ALA A 132 28.06 -1.72 5.99
C ALA A 132 28.12 -2.19 7.43
N GLY A 133 29.28 -2.03 8.06
CA GLY A 133 29.45 -2.37 9.47
C GLY A 133 29.02 -1.28 10.44
N ASN A 134 28.34 -0.23 9.97
CA ASN A 134 27.97 0.85 10.89
C ASN A 134 26.73 0.41 11.67
N THR A 135 26.55 0.94 12.88
CA THR A 135 25.53 0.41 13.79
C THR A 135 24.52 1.45 14.26
N GLY A 136 24.55 2.67 13.72
CA GLY A 136 23.50 3.68 14.03
C GLY A 136 22.29 3.57 13.08
N LEU A 137 21.78 4.71 12.64
CA LEU A 137 20.70 4.74 11.63
C LEU A 137 21.02 3.96 10.34
N THR A 138 20.10 3.12 9.88
CA THR A 138 20.18 2.59 8.53
C THR A 138 19.39 3.52 7.58
N LEU A 139 20.07 4.04 6.56
CA LEU A 139 19.46 4.99 5.64
C LEU A 139 19.35 4.30 4.30
N ASN A 140 18.10 4.03 3.91
CA ASN A 140 17.84 3.44 2.59
C ASN A 140 17.41 4.56 1.66
N ILE A 141 18.00 4.57 0.48
CA ILE A 141 17.77 5.62 -0.50
C ILE A 141 17.34 4.88 -1.74
N ALA A 142 16.06 5.03 -2.04
CA ALA A 142 15.44 4.36 -3.15
C ALA A 142 15.92 4.98 -4.45
N ALA A 143 16.43 4.15 -5.35
CA ALA A 143 16.89 4.66 -6.65
C ALA A 143 16.46 3.71 -7.76
N ASN A 144 15.64 4.21 -8.67
CA ASN A 144 15.02 3.41 -9.72
C ASN A 144 14.24 2.26 -9.07
N TYR A 145 13.52 2.65 -8.03
CA TYR A 145 12.82 1.71 -7.17
C TYR A 145 11.36 1.76 -7.53
N GLY A 146 10.77 0.58 -7.51
CA GLY A 146 9.32 0.39 -7.54
C GLY A 146 8.88 -0.79 -6.67
N GLY A 147 7.68 -0.65 -6.11
CA GLY A 147 7.22 -1.55 -5.09
C GLY A 147 6.92 -2.91 -5.68
N ARG A 148 6.33 -2.86 -6.88
CA ARG A 148 6.05 -4.03 -7.70
C ARG A 148 7.32 -4.75 -8.21
N TRP A 149 8.28 -3.97 -8.73
CA TRP A 149 9.63 -4.48 -9.04
C TRP A 149 10.22 -5.20 -7.82
N ASP A 150 10.09 -4.58 -6.66
CA ASP A 150 10.67 -5.09 -5.41
C ASP A 150 10.10 -6.49 -5.11
N ILE A 151 8.78 -6.60 -5.18
CA ILE A 151 8.14 -7.88 -4.92
C ILE A 151 8.56 -8.87 -6.00
N VAL A 152 8.57 -8.44 -7.24
CA VAL A 152 8.86 -9.32 -8.34
C VAL A 152 10.24 -9.96 -8.22
N GLN A 153 11.23 -9.19 -7.80
CA GLN A 153 12.58 -9.68 -7.72
C GLN A 153 12.71 -10.68 -6.59
N GLY A 154 11.99 -10.45 -5.49
CA GLY A 154 12.03 -11.38 -4.36
C GLY A 154 11.38 -12.72 -4.74
N VAL A 155 10.39 -12.60 -5.63
CA VAL A 155 9.79 -13.74 -6.30
C VAL A 155 10.82 -14.51 -7.14
N ARG A 156 11.63 -13.82 -7.96
CA ARG A 156 12.68 -14.47 -8.75
C ARG A 156 13.56 -15.33 -7.86
N GLN A 157 13.95 -14.79 -6.71
CA GLN A 157 14.82 -15.49 -5.81
C GLN A 157 14.20 -16.76 -5.30
N LEU A 158 12.99 -16.67 -4.75
CA LEU A 158 12.19 -17.84 -4.44
C LEU A 158 12.07 -18.79 -5.62
N ALA A 159 11.79 -18.27 -6.81
CA ALA A 159 11.71 -19.12 -8.01
C ALA A 159 13.07 -19.71 -8.42
N GLU A 160 14.14 -19.13 -7.89
CA GLU A 160 15.48 -19.65 -8.15
C GLU A 160 15.69 -20.90 -7.31
N LYS A 161 15.39 -20.77 -6.01
CA LYS A 161 15.57 -21.82 -5.02
C LYS A 161 14.51 -22.88 -5.25
N VAL A 162 13.57 -22.66 -6.17
CA VAL A 162 12.66 -23.72 -6.55
C VAL A 162 13.32 -24.61 -7.60
N GLN A 163 13.88 -24.00 -8.64
CA GLN A 163 14.54 -24.72 -9.76
C GLN A 163 15.71 -25.62 -9.36
N GLN A 164 16.49 -25.12 -8.41
CA GLN A 164 17.52 -25.87 -7.69
C GLN A 164 16.96 -27.04 -6.87
N GLY A 165 15.64 -27.23 -6.92
CA GLY A 165 14.98 -28.33 -6.24
C GLY A 165 15.09 -28.20 -4.74
N ASN A 166 15.45 -27.00 -4.28
CA ASN A 166 15.64 -26.81 -2.85
C ASN A 166 14.36 -26.51 -2.04
N LEU A 167 13.31 -26.03 -2.71
CA LEU A 167 12.09 -25.63 -2.02
C LEU A 167 10.80 -25.94 -2.79
N GLN A 168 9.80 -26.40 -2.03
CA GLN A 168 8.51 -26.76 -2.58
C GLN A 168 7.60 -25.52 -2.75
N PRO A 169 6.88 -25.45 -3.88
CA PRO A 169 5.86 -24.45 -4.22
C PRO A 169 4.69 -24.30 -3.28
N ASP A 170 4.49 -25.27 -2.41
CA ASP A 170 3.38 -25.26 -1.47
C ASP A 170 3.89 -24.79 -0.13
N GLN A 171 5.20 -24.62 -0.03
CA GLN A 171 5.85 -24.26 1.21
C GLN A 171 5.97 -22.72 1.36
N ILE A 172 5.71 -22.00 0.27
CA ILE A 172 5.87 -20.53 0.22
C ILE A 172 4.82 -19.80 1.04
N ASP A 173 5.18 -19.19 2.16
CA ASP A 173 4.21 -18.40 2.92
C ASP A 173 4.62 -16.93 3.08
N GLU A 174 3.77 -16.16 3.73
CA GLU A 174 4.00 -14.73 3.79
C GLU A 174 5.35 -14.38 4.42
N GLU A 175 5.68 -15.04 5.54
CA GLU A 175 6.99 -14.83 6.20
C GLU A 175 8.12 -15.11 5.24
N MET A 176 7.89 -16.11 4.39
CA MET A 176 8.87 -16.48 3.43
C MET A 176 9.18 -15.35 2.49
N LEU A 177 8.18 -14.99 1.70
CA LEU A 177 8.35 -13.96 0.67
C LEU A 177 8.72 -12.64 1.34
N ASN A 178 8.33 -12.43 2.59
CA ASN A 178 8.80 -11.29 3.37
C ASN A 178 10.31 -11.23 3.68
N GLN A 179 10.98 -12.36 3.72
CA GLN A 179 12.43 -12.40 3.93
C GLN A 179 13.24 -12.08 2.64
N HIS A 180 12.58 -12.08 1.49
CA HIS A 180 13.21 -11.78 0.21
C HIS A 180 12.81 -10.44 -0.46
N VAL A 181 12.20 -9.53 0.28
CA VAL A 181 11.92 -8.22 -0.28
C VAL A 181 12.80 -7.22 0.42
N CYS A 182 13.00 -6.08 -0.23
CA CYS A 182 13.89 -5.09 0.32
C CYS A 182 13.54 -4.73 1.73
N MET A 183 14.62 -4.55 2.49
CA MET A 183 14.69 -4.16 3.87
C MET A 183 14.05 -5.15 4.84
N HIS A 184 13.94 -6.41 4.41
CA HIS A 184 13.55 -7.49 5.34
C HIS A 184 14.34 -7.55 6.65
N GLU A 185 15.56 -7.03 6.67
CA GLU A 185 16.41 -7.10 7.85
C GLU A 185 16.17 -6.01 8.85
N LEU A 186 15.44 -4.96 8.47
CA LEU A 186 15.17 -3.86 9.39
C LEU A 186 13.87 -4.06 10.10
N ALA A 187 13.62 -3.23 11.10
CA ALA A 187 12.31 -3.10 11.67
C ALA A 187 11.25 -2.77 10.62
N PRO A 188 10.02 -3.20 10.87
CA PRO A 188 8.97 -2.95 9.88
C PRO A 188 8.70 -1.45 9.76
N VAL A 189 8.33 -1.03 8.56
CA VAL A 189 8.02 0.38 8.35
C VAL A 189 6.82 0.68 9.24
N ASP A 190 6.99 1.57 10.20
CA ASP A 190 5.95 2.02 11.10
C ASP A 190 5.19 3.20 10.50
N LEU A 191 5.89 4.07 9.75
CA LEU A 191 5.33 5.35 9.35
C LEU A 191 5.79 5.78 7.96
N VAL A 192 4.81 6.01 7.08
CA VAL A 192 5.05 6.60 5.74
C VAL A 192 4.51 7.98 5.66
N ILE A 193 5.43 8.90 5.40
CA ILE A 193 5.11 10.31 5.26
C ILE A 193 5.19 10.62 3.77
N ARG A 194 4.20 11.31 3.23
CA ARG A 194 4.32 11.94 1.92
C ARG A 194 4.04 13.43 1.96
N THR A 195 5.03 14.21 1.55
CA THR A 195 4.86 15.63 1.46
C THR A 195 4.35 16.03 0.09
N GLY A 196 3.95 17.27 -0.08
CA GLY A 196 3.59 17.78 -1.40
C GLY A 196 2.13 17.70 -1.76
N GLY A 197 1.30 17.15 -0.90
CA GLY A 197 -0.11 17.17 -1.14
C GLY A 197 -0.81 16.03 -1.88
N GLU A 198 -0.10 15.19 -2.58
CA GLU A 198 -0.73 14.08 -3.26
C GLU A 198 -1.00 12.96 -2.28
N HIS A 199 -2.13 12.30 -2.38
CA HIS A 199 -2.50 11.24 -1.47
C HIS A 199 -2.41 9.85 -2.07
N ARG A 200 -1.22 9.47 -2.49
CA ARG A 200 -0.99 8.17 -3.12
C ARG A 200 0.39 7.59 -2.79
N ILE A 201 0.52 6.30 -2.95
CA ILE A 201 1.74 5.59 -2.74
C ILE A 201 2.70 5.68 -3.92
N SER A 202 2.17 5.87 -5.10
CA SER A 202 2.95 5.99 -6.30
C SER A 202 4.00 4.92 -6.50
N ASN A 203 3.60 3.67 -6.37
CA ASN A 203 4.50 2.55 -6.56
C ASN A 203 5.77 2.57 -5.72
N PHE A 204 5.72 3.22 -4.58
CA PHE A 204 6.82 3.13 -3.57
C PHE A 204 6.55 1.81 -2.83
N LEU A 205 6.90 1.67 -1.58
CA LEU A 205 6.85 0.36 -0.91
C LEU A 205 5.39 -0.10 -0.95
N LEU A 206 5.16 -1.37 -1.22
CA LEU A 206 3.81 -1.93 -1.25
C LEU A 206 3.63 -3.09 -0.26
N TRP A 207 4.52 -4.09 -0.35
CA TRP A 207 4.52 -5.22 0.58
C TRP A 207 4.73 -4.74 1.99
N GLN A 208 5.66 -3.82 2.12
CA GLN A 208 6.13 -3.43 3.41
C GLN A 208 5.26 -2.43 4.16
N ILE A 209 4.27 -1.85 3.47
CA ILE A 209 3.44 -0.86 4.12
C ILE A 209 2.09 -1.40 4.59
N ALA A 210 1.87 -2.71 4.50
CA ALA A 210 0.65 -3.35 4.97
C ALA A 210 0.09 -2.84 6.27
N TYR A 211 0.95 -2.53 7.24
CA TYR A 211 0.50 -2.15 8.55
C TYR A 211 0.95 -0.80 8.97
N ALA A 212 1.54 -0.07 8.05
CA ALA A 212 2.14 1.22 8.37
C ALA A 212 1.07 2.32 8.46
N GLU A 213 1.34 3.25 9.37
CA GLU A 213 0.58 4.48 9.45
C GLU A 213 0.97 5.30 8.22
N LEU A 214 -0.03 5.88 7.59
CA LEU A 214 0.17 6.73 6.42
C LEU A 214 -0.16 8.13 6.78
N TYR A 215 0.82 9.01 6.63
CA TYR A 215 0.66 10.37 6.94
C TYR A 215 0.94 11.26 5.74
N PHE A 216 -0.09 12.00 5.33
CA PHE A 216 -0.02 12.89 4.18
C PHE A 216 0.00 14.35 4.62
N THR A 217 0.95 15.13 4.13
CA THR A 217 0.95 16.56 4.42
C THR A 217 1.07 17.39 3.13
N ASP A 218 0.48 18.58 3.10
CA ASP A 218 0.58 19.47 1.97
C ASP A 218 1.90 20.20 1.97
N VAL A 219 2.63 20.13 3.07
CA VAL A 219 3.89 20.80 3.12
C VAL A 219 4.76 20.32 1.98
N LEU A 220 5.37 21.26 1.29
CA LEU A 220 6.32 20.89 0.26
C LEU A 220 7.67 20.47 0.83
N TRP A 221 8.29 19.51 0.15
CA TRP A 221 9.45 18.88 0.72
C TRP A 221 10.57 19.84 1.20
N PRO A 222 10.93 20.87 0.43
CA PRO A 222 11.98 21.75 0.94
C PRO A 222 11.67 22.56 2.22
N ASP A 223 10.38 22.70 2.59
CA ASP A 223 9.96 23.35 3.83
C ASP A 223 9.70 22.38 4.94
N PHE A 224 9.70 21.07 4.67
CA PHE A 224 9.43 20.06 5.69
C PHE A 224 10.61 19.98 6.69
N ASP A 225 10.39 20.45 7.90
CA ASP A 225 11.45 20.72 8.85
C ASP A 225 11.28 19.88 10.07
N GLU A 226 12.07 20.24 11.09
CA GLU A 226 12.13 19.39 12.29
C GLU A 226 10.79 19.36 13.00
N GLN A 227 10.06 20.48 12.98
CA GLN A 227 8.73 20.47 13.60
C GLN A 227 7.71 19.62 12.83
N ASP A 228 7.75 19.70 11.50
CA ASP A 228 6.85 18.85 10.70
C ASP A 228 7.18 17.42 10.95
N PHE A 229 8.46 17.10 11.00
CA PHE A 229 8.76 15.70 11.27
C PHE A 229 8.19 15.35 12.69
N GLU A 230 8.42 16.22 13.69
CA GLU A 230 7.83 16.06 15.04
C GLU A 230 6.31 15.88 14.95
N GLY A 231 5.65 16.75 14.19
CA GLY A 231 4.23 16.60 13.92
C GLY A 231 3.84 15.21 13.48
N ALA A 232 4.60 14.65 12.54
CA ALA A 232 4.29 13.32 12.01
C ALA A 232 4.44 12.23 13.05
N LEU A 233 5.58 12.23 13.75
CA LEU A 233 5.80 11.20 14.77
C LEU A 233 4.73 11.26 15.88
N ASN A 234 4.35 12.47 16.26
CA ASN A 234 3.27 12.64 17.25
C ASN A 234 2.01 11.91 16.86
N ALA A 235 1.63 12.08 15.59
CA ALA A 235 0.45 11.45 15.06
C ALA A 235 0.57 9.96 14.94
N PHE A 236 1.78 9.45 14.70
CA PHE A 236 1.93 7.97 14.72
C PHE A 236 1.66 7.39 16.14
N ALA A 237 2.03 8.16 17.16
CA ALA A 237 1.88 7.71 18.53
C ALA A 237 0.44 7.32 18.86
N ASN A 238 -0.51 8.09 18.35
CA ASN A 238 -1.93 7.89 18.68
C ASN A 238 -2.59 6.75 17.88
N ARG A 239 -3.40 5.96 18.56
CA ARG A 239 -4.22 4.92 17.92
C ARG A 239 -5.42 4.58 18.78
N GLY B 17 -12.13 10.40 -14.48
CA GLY B 17 -13.12 9.26 -14.48
C GLY B 17 -12.74 8.09 -13.56
N CYS B 18 -13.38 8.04 -12.40
CA CYS B 18 -13.16 6.98 -11.41
C CYS B 18 -13.91 5.73 -11.80
N ARG B 19 -13.17 4.67 -12.12
CA ARG B 19 -13.76 3.43 -12.58
C ARG B 19 -13.95 2.34 -11.52
N HIS B 20 -13.03 2.24 -10.58
CA HIS B 20 -13.01 1.19 -9.59
C HIS B 20 -12.70 1.81 -8.22
N VAL B 21 -13.65 1.68 -7.31
CA VAL B 21 -13.45 2.15 -5.97
C VAL B 21 -13.33 0.95 -5.04
N ALA B 22 -12.45 1.06 -4.07
CA ALA B 22 -12.33 0.05 -3.01
C ALA B 22 -12.50 0.67 -1.64
N ILE B 23 -13.26 0.02 -0.74
CA ILE B 23 -13.58 0.60 0.57
C ILE B 23 -13.22 -0.30 1.74
N ILE B 24 -12.47 0.26 2.67
CA ILE B 24 -12.21 -0.37 3.97
C ILE B 24 -13.25 0.16 4.96
N MET B 25 -14.22 -0.68 5.23
CA MET B 25 -15.45 -0.26 5.90
C MET B 25 -15.25 -0.41 7.42
N ASP B 26 -14.58 0.54 8.04
CA ASP B 26 -14.31 0.43 9.47
C ASP B 26 -15.23 1.36 10.27
N GLY B 27 -15.57 0.97 11.48
CA GLY B 27 -16.18 1.84 12.47
C GLY B 27 -17.54 1.36 12.93
N ASN B 28 -17.96 0.16 12.51
CA ASN B 28 -19.23 -0.42 12.96
C ASN B 28 -19.33 -0.59 14.50
N GLY B 29 -18.37 -1.29 15.07
CA GLY B 29 -18.30 -1.46 16.52
C GLY B 29 -18.24 -0.15 17.27
N ARG B 30 -17.39 0.79 16.81
CA ARG B 30 -17.31 2.13 17.44
C ARG B 30 -18.59 2.92 17.33
N TRP B 31 -19.30 2.70 16.24
CA TRP B 31 -20.59 3.33 16.05
C TRP B 31 -21.62 2.79 17.08
N ALA B 32 -21.62 1.49 17.25
CA ALA B 32 -22.51 0.83 18.20
C ALA B 32 -22.28 1.40 19.60
N LYS B 33 -21.02 1.43 20.02
CA LYS B 33 -20.52 1.94 21.29
C LYS B 33 -20.94 3.37 21.47
N LYS B 34 -20.78 4.15 20.41
CA LYS B 34 -21.07 5.58 20.43
C LYS B 34 -22.57 5.75 20.60
N GLN B 35 -23.35 4.83 20.04
CA GLN B 35 -24.82 4.88 20.14
C GLN B 35 -25.39 4.29 21.43
N GLY B 36 -24.54 3.91 22.38
CA GLY B 36 -24.97 3.08 23.52
C GLY B 36 -25.64 1.77 23.14
N LYS B 37 -25.02 1.01 22.22
CA LYS B 37 -25.55 -0.27 21.77
C LYS B 37 -24.49 -1.33 21.73
N ILE B 38 -24.96 -2.57 21.68
CA ILE B 38 -24.08 -3.71 21.45
C ILE B 38 -23.68 -3.90 19.99
N ARG B 39 -22.56 -4.59 19.88
CA ARG B 39 -21.83 -4.81 18.64
C ARG B 39 -22.74 -5.22 17.49
N ALA B 40 -23.63 -6.17 17.74
CA ALA B 40 -24.52 -6.66 16.67
C ALA B 40 -25.36 -5.58 16.00
N PHE B 41 -25.73 -4.54 16.76
CA PHE B 41 -26.58 -3.50 16.19
C PHE B 41 -25.76 -2.59 15.27
N GLY B 42 -24.48 -2.49 15.56
CA GLY B 42 -23.55 -1.81 14.64
C GLY B 42 -23.42 -2.57 13.33
N HIS B 43 -23.47 -3.91 13.41
CA HIS B 43 -23.34 -4.73 12.21
C HIS B 43 -24.57 -4.63 11.27
N LYS B 44 -25.75 -4.36 11.80
CA LYS B 44 -26.92 -4.16 10.97
C LYS B 44 -26.95 -2.78 10.34
N ALA B 45 -26.52 -1.76 11.07
CA ALA B 45 -26.46 -0.44 10.46
C ALA B 45 -25.32 -0.40 9.36
N GLY B 46 -24.26 -1.15 9.60
CA GLY B 46 -23.22 -1.39 8.57
C GLY B 46 -23.70 -2.04 7.29
N ALA B 47 -24.53 -3.08 7.41
CA ALA B 47 -25.16 -3.71 6.26
C ALA B 47 -26.01 -2.73 5.46
N LYS B 48 -26.78 -1.91 6.15
CA LYS B 48 -27.56 -0.90 5.40
C LYS B 48 -26.61 0.02 4.62
N SER B 49 -25.49 0.37 5.25
CA SER B 49 -24.58 1.32 4.62
C SER B 49 -23.97 0.67 3.39
N VAL B 50 -23.77 -0.65 3.43
CA VAL B 50 -23.33 -1.41 2.24
C VAL B 50 -24.32 -1.29 1.13
N ARG B 51 -25.60 -1.51 1.44
CA ARG B 51 -26.65 -1.41 0.42
C ARG B 51 -26.68 -0.02 -0.17
N ARG B 52 -26.59 1.01 0.66
CA ARG B 52 -26.53 2.38 0.15
C ARG B 52 -25.33 2.62 -0.76
N ALA B 53 -24.17 2.09 -0.40
CA ALA B 53 -22.95 2.35 -1.18
C ALA B 53 -23.01 1.65 -2.52
N VAL B 54 -23.56 0.45 -2.51
CA VAL B 54 -23.71 -0.33 -3.70
C VAL B 54 -24.65 0.36 -4.69
N SER B 55 -25.80 0.85 -4.24
CA SER B 55 -26.72 1.56 -5.11
C SER B 55 -26.09 2.81 -5.67
N PHE B 56 -25.37 3.53 -4.82
CA PHE B 56 -24.72 4.73 -5.23
C PHE B 56 -23.73 4.49 -6.31
N ALA B 57 -22.88 3.48 -6.14
CA ALA B 57 -21.90 3.16 -7.14
C ALA B 57 -22.53 2.81 -8.47
N ALA B 58 -23.57 2.02 -8.42
CA ALA B 58 -24.28 1.61 -9.60
C ALA B 58 -24.94 2.79 -10.30
N ASN B 59 -25.49 3.69 -9.51
CA ASN B 59 -26.17 4.87 -10.00
C ASN B 59 -25.28 5.93 -10.60
N ASN B 60 -24.00 5.89 -10.30
CA ASN B 60 -23.12 6.88 -10.82
C ASN B 60 -22.13 6.34 -11.79
N GLY B 61 -22.40 5.18 -12.34
CA GLY B 61 -21.54 4.60 -13.35
C GLY B 61 -20.17 4.08 -12.99
N ILE B 62 -19.98 3.66 -11.76
CA ILE B 62 -18.72 3.10 -11.34
C ILE B 62 -18.73 1.67 -11.85
N GLU B 63 -17.63 1.20 -12.40
CA GLU B 63 -17.56 -0.13 -12.95
C GLU B 63 -17.33 -1.19 -11.87
N ALA B 64 -16.53 -0.88 -10.86
CA ALA B 64 -16.21 -1.95 -9.88
C ALA B 64 -16.12 -1.32 -8.51
N LEU B 65 -16.76 -1.97 -7.54
CA LEU B 65 -16.72 -1.56 -6.17
C LEU B 65 -16.17 -2.77 -5.41
N THR B 66 -15.07 -2.60 -4.68
CA THR B 66 -14.46 -3.71 -3.93
C THR B 66 -14.54 -3.39 -2.42
N LEU B 67 -15.19 -4.27 -1.66
CA LEU B 67 -15.57 -4.00 -0.26
C LEU B 67 -14.85 -4.94 0.69
N TYR B 68 -14.21 -4.34 1.68
CA TYR B 68 -13.41 -5.06 2.66
C TYR B 68 -14.02 -4.85 4.04
N ALA B 69 -14.63 -5.91 4.54
CA ALA B 69 -15.18 -5.89 5.90
C ALA B 69 -14.00 -6.06 6.85
N PHE B 70 -13.94 -5.15 7.82
CA PHE B 70 -12.78 -5.01 8.68
C PHE B 70 -13.27 -4.54 10.03
N SER B 71 -12.61 -4.95 11.11
CA SER B 71 -12.93 -4.44 12.46
C SER B 71 -12.30 -3.07 12.73
N TRP B 91 -24.31 -16.92 5.06
CA TRP B 91 -23.88 -15.56 5.34
C TRP B 91 -24.18 -14.62 4.20
N ALA B 92 -25.34 -13.96 4.27
CA ALA B 92 -25.81 -12.94 3.31
C ALA B 92 -26.00 -13.18 1.78
N LEU B 93 -25.77 -14.40 1.33
CA LEU B 93 -25.92 -14.66 -0.07
C LEU B 93 -27.37 -14.92 -0.34
N ASP B 94 -28.03 -15.85 0.35
CA ASP B 94 -29.46 -16.03 0.06
C ASP B 94 -30.35 -14.79 0.34
N SER B 95 -29.95 -13.87 1.23
CA SER B 95 -30.74 -12.70 1.46
C SER B 95 -30.63 -11.71 0.32
N GLU B 96 -29.43 -11.37 -0.08
CA GLU B 96 -29.28 -10.34 -1.07
C GLU B 96 -29.00 -10.69 -2.51
N VAL B 97 -28.58 -11.90 -2.80
CA VAL B 97 -28.23 -12.26 -4.15
C VAL B 97 -29.25 -11.98 -5.23
N LYS B 98 -30.51 -12.22 -4.96
CA LYS B 98 -31.53 -11.99 -5.95
C LYS B 98 -31.69 -10.51 -6.29
N SER B 99 -31.55 -9.65 -5.32
CA SER B 99 -31.67 -8.24 -5.61
C SER B 99 -30.48 -7.75 -6.44
N LEU B 100 -29.29 -8.21 -6.13
CA LEU B 100 -28.12 -7.80 -6.88
C LEU B 100 -28.24 -8.21 -8.33
N HIS B 101 -28.83 -9.35 -8.54
CA HIS B 101 -28.98 -9.90 -9.89
C HIS B 101 -29.99 -9.11 -10.68
N ARG B 102 -31.11 -8.84 -10.00
CA ARG B 102 -32.13 -7.92 -10.47
C ARG B 102 -31.50 -6.65 -10.98
N HIS B 103 -30.56 -6.12 -10.21
CA HIS B 103 -30.01 -4.79 -10.43
C HIS B 103 -28.86 -4.88 -11.37
N ASN B 104 -28.71 -6.05 -12.00
CA ASN B 104 -27.65 -6.21 -12.99
C ASN B 104 -26.22 -6.07 -12.43
N VAL B 105 -26.02 -6.53 -11.19
CA VAL B 105 -24.69 -6.51 -10.56
C VAL B 105 -24.04 -7.86 -10.69
N ARG B 106 -22.78 -7.87 -11.05
CA ARG B 106 -22.01 -9.09 -11.06
C ARG B 106 -21.27 -9.20 -9.75
N LEU B 107 -21.48 -10.33 -9.07
CA LEU B 107 -20.88 -10.59 -7.80
C LEU B 107 -19.69 -11.53 -7.90
N ARG B 108 -18.63 -11.15 -7.20
CA ARG B 108 -17.46 -11.95 -7.04
C ARG B 108 -17.04 -11.91 -5.59
N ILE B 109 -16.57 -13.02 -5.05
CA ILE B 109 -15.93 -13.02 -3.72
C ILE B 109 -14.41 -13.15 -3.86
N ILE B 110 -13.64 -12.32 -3.15
CA ILE B 110 -12.16 -12.47 -3.17
C ILE B 110 -11.62 -12.76 -1.79
N GLY B 111 -10.61 -13.64 -1.70
CA GLY B 111 -10.15 -14.03 -0.38
C GLY B 111 -9.98 -15.53 -0.24
N ASP B 112 -9.54 -15.99 0.91
CA ASP B 112 -9.34 -17.42 1.09
C ASP B 112 -10.57 -18.07 1.65
N THR B 113 -11.32 -18.72 0.80
CA THR B 113 -12.54 -19.34 1.20
C THR B 113 -12.43 -20.86 1.21
N SER B 114 -11.19 -21.32 1.11
CA SER B 114 -10.87 -22.73 1.10
C SER B 114 -11.27 -23.42 2.39
N ARG B 115 -11.18 -22.74 3.52
CA ARG B 115 -11.58 -23.35 4.75
C ARG B 115 -13.02 -23.03 5.13
N PHE B 116 -13.83 -22.59 4.19
CA PHE B 116 -15.21 -22.28 4.50
C PHE B 116 -16.04 -23.53 4.36
N ASN B 117 -17.18 -23.61 5.01
CA ASN B 117 -18.05 -24.79 4.89
C ASN B 117 -18.28 -25.09 3.48
N SER B 118 -18.54 -26.34 3.15
CA SER B 118 -18.79 -26.73 1.79
C SER B 118 -20.07 -26.16 1.19
N ARG B 119 -21.06 -25.92 2.03
CA ARG B 119 -22.33 -25.38 1.61
C ARG B 119 -22.15 -23.92 1.23
N LEU B 120 -21.44 -23.17 2.04
CA LEU B 120 -21.14 -21.79 1.77
C LEU B 120 -20.37 -21.67 0.48
N GLN B 121 -19.39 -22.53 0.27
CA GLN B 121 -18.61 -22.52 -0.94
C GLN B 121 -19.47 -22.75 -2.16
N GLU B 122 -20.45 -23.65 -2.08
CA GLU B 122 -21.38 -23.90 -3.16
C GLU B 122 -22.26 -22.68 -3.42
N ARG B 123 -22.70 -22.02 -2.36
CA ARG B 123 -23.53 -20.86 -2.52
C ARG B 123 -22.79 -19.73 -3.17
N ILE B 124 -21.53 -19.56 -2.82
CA ILE B 124 -20.74 -18.54 -3.41
C ILE B 124 -20.62 -18.80 -4.90
N ARG B 125 -20.28 -20.03 -5.24
CA ARG B 125 -20.11 -20.48 -6.61
C ARG B 125 -21.39 -20.26 -7.37
N LYS B 126 -22.50 -20.63 -6.78
CA LYS B 126 -23.78 -20.50 -7.40
C LYS B 126 -24.12 -19.05 -7.65
N SER B 127 -23.90 -18.24 -6.65
CA SER B 127 -24.16 -16.83 -6.72
C SER B 127 -23.30 -16.15 -7.75
N GLU B 128 -22.04 -16.54 -7.83
CA GLU B 128 -21.16 -15.97 -8.80
C GLU B 128 -21.60 -16.38 -10.19
N ALA B 129 -21.94 -17.63 -10.36
CA ALA B 129 -22.37 -18.11 -11.63
C ALA B 129 -23.62 -17.42 -12.08
N LEU B 130 -24.56 -17.27 -11.18
CA LEU B 130 -25.81 -16.63 -11.48
C LEU B 130 -25.65 -15.22 -11.99
N THR B 131 -24.71 -14.47 -11.44
CA THR B 131 -24.57 -13.06 -11.84
C THR B 131 -23.42 -12.85 -12.83
N ALA B 132 -22.77 -13.91 -13.30
CA ALA B 132 -21.51 -13.73 -14.04
C ALA B 132 -21.67 -13.00 -15.38
N GLY B 133 -22.86 -13.08 -15.96
CA GLY B 133 -23.22 -12.36 -17.18
C GLY B 133 -23.88 -11.00 -17.02
N ASN B 134 -23.92 -10.47 -15.80
CA ASN B 134 -24.61 -9.22 -15.55
C ASN B 134 -23.66 -8.12 -15.97
N THR B 135 -24.20 -7.04 -16.53
CA THR B 135 -23.34 -6.07 -17.24
C THR B 135 -23.22 -4.74 -16.45
N GLY B 136 -23.79 -4.63 -15.24
CA GLY B 136 -23.75 -3.35 -14.54
C GLY B 136 -22.50 -3.24 -13.67
N LEU B 137 -22.69 -2.99 -12.38
CA LEU B 137 -21.53 -2.87 -11.46
C LEU B 137 -20.93 -4.25 -11.20
N THR B 138 -19.61 -4.35 -11.16
CA THR B 138 -18.98 -5.50 -10.53
C THR B 138 -18.74 -5.24 -9.06
N LEU B 139 -19.35 -6.03 -8.18
CA LEU B 139 -19.16 -5.91 -6.74
C LEU B 139 -18.25 -7.03 -6.29
N ASN B 140 -17.05 -6.68 -5.83
CA ASN B 140 -16.15 -7.64 -5.22
C ASN B 140 -16.23 -7.54 -3.71
N ILE B 141 -16.54 -8.66 -3.04
CA ILE B 141 -16.65 -8.71 -1.60
C ILE B 141 -15.40 -9.43 -1.12
N ALA B 142 -14.62 -8.79 -0.27
CA ALA B 142 -13.34 -9.39 0.14
C ALA B 142 -13.51 -10.13 1.44
N ALA B 143 -13.47 -11.46 1.40
CA ALA B 143 -13.88 -12.31 2.51
C ALA B 143 -12.66 -13.13 2.96
N ASN B 144 -12.18 -12.93 4.19
CA ASN B 144 -10.93 -13.56 4.64
C ASN B 144 -9.78 -13.27 3.65
N TYR B 145 -9.65 -11.99 3.35
CA TYR B 145 -8.75 -11.54 2.30
C TYR B 145 -7.61 -10.87 3.02
N GLY B 146 -6.44 -10.97 2.41
CA GLY B 146 -5.28 -10.18 2.85
C GLY B 146 -4.46 -9.85 1.62
N GLY B 147 -3.95 -8.61 1.51
CA GLY B 147 -3.14 -8.23 0.35
C GLY B 147 -1.91 -9.15 0.17
N ARG B 148 -1.24 -9.39 1.27
CA ARG B 148 -0.04 -10.24 1.27
C ARG B 148 -0.39 -11.66 0.85
N TRP B 149 -1.46 -12.21 1.45
CA TRP B 149 -2.00 -13.54 1.05
C TRP B 149 -2.30 -13.59 -0.44
N ASP B 150 -2.90 -12.53 -0.97
CA ASP B 150 -3.24 -12.49 -2.41
C ASP B 150 -2.01 -12.55 -3.34
N ILE B 151 -0.96 -11.83 -2.97
CA ILE B 151 0.26 -11.93 -3.73
C ILE B 151 0.91 -13.33 -3.52
N VAL B 152 1.08 -13.76 -2.27
CA VAL B 152 1.70 -15.08 -1.97
C VAL B 152 1.00 -16.22 -2.69
N GLN B 153 -0.33 -16.15 -2.77
CA GLN B 153 -1.03 -17.20 -3.47
C GLN B 153 -0.82 -17.06 -4.98
N GLY B 154 -0.58 -15.84 -5.48
CA GLY B 154 -0.18 -15.65 -6.89
C GLY B 154 1.26 -16.12 -7.11
N VAL B 155 2.05 -16.02 -6.05
CA VAL B 155 3.41 -16.50 -6.11
C VAL B 155 3.48 -18.03 -6.09
N ARG B 156 2.55 -18.65 -5.37
CA ARG B 156 2.48 -20.11 -5.27
C ARG B 156 2.18 -20.73 -6.64
N GLN B 157 1.40 -20.00 -7.44
CA GLN B 157 1.07 -20.38 -8.81
C GLN B 157 2.29 -20.42 -9.70
N LEU B 158 3.02 -19.32 -9.76
CA LEU B 158 4.14 -19.27 -10.67
C LEU B 158 5.22 -20.27 -10.26
N ALA B 159 5.37 -20.46 -8.95
CA ALA B 159 6.36 -21.36 -8.38
C ALA B 159 6.00 -22.83 -8.62
N GLU B 160 4.72 -23.13 -8.84
CA GLU B 160 4.34 -24.48 -9.22
C GLU B 160 4.65 -24.70 -10.70
N LYS B 161 4.63 -23.63 -11.50
CA LYS B 161 4.97 -23.73 -12.92
C LYS B 161 6.48 -23.63 -13.13
N VAL B 162 7.18 -23.13 -12.12
CA VAL B 162 8.64 -23.14 -12.15
C VAL B 162 9.14 -24.56 -11.85
N GLN B 163 8.43 -25.26 -10.95
CA GLN B 163 8.69 -26.69 -10.66
C GLN B 163 8.37 -27.58 -11.85
N GLN B 164 7.52 -27.06 -12.74
CA GLN B 164 7.16 -27.62 -14.04
C GLN B 164 6.11 -28.72 -13.97
N GLN B 168 12.44 -20.60 -16.01
CA GLN B 168 12.12 -19.29 -16.54
C GLN B 168 12.13 -18.27 -15.40
N PRO B 169 13.04 -18.38 -14.41
CA PRO B 169 13.02 -17.27 -13.44
C PRO B 169 13.76 -16.00 -13.88
N ASP B 170 13.76 -15.72 -15.18
CA ASP B 170 14.02 -14.39 -15.72
C ASP B 170 12.87 -13.96 -16.61
N GLN B 171 11.76 -14.65 -16.50
CA GLN B 171 10.60 -14.19 -17.23
C GLN B 171 9.42 -13.86 -16.34
N ILE B 172 9.60 -13.93 -15.05
CA ILE B 172 8.54 -13.55 -14.17
C ILE B 172 8.72 -12.05 -14.05
N ASP B 173 7.88 -11.28 -14.70
CA ASP B 173 7.99 -9.86 -14.55
C ASP B 173 6.70 -9.29 -14.00
N GLU B 174 6.66 -7.98 -13.80
CA GLU B 174 5.50 -7.28 -13.25
C GLU B 174 4.20 -7.66 -13.93
N GLU B 175 4.18 -7.68 -15.24
CA GLU B 175 2.95 -8.02 -15.91
C GLU B 175 2.56 -9.47 -15.71
N MET B 176 3.51 -10.36 -15.56
CA MET B 176 3.15 -11.72 -15.35
C MET B 176 2.56 -11.92 -13.97
N LEU B 177 3.15 -11.33 -12.96
CA LEU B 177 2.60 -11.49 -11.61
C LEU B 177 1.26 -10.80 -11.46
N ASN B 178 1.05 -9.69 -12.19
CA ASN B 178 -0.20 -8.96 -12.19
C ASN B 178 -1.32 -9.84 -12.65
N GLN B 179 -1.09 -10.71 -13.62
CA GLN B 179 -2.06 -11.65 -14.13
C GLN B 179 -2.48 -12.76 -13.20
N HIS B 180 -1.84 -12.94 -12.07
CA HIS B 180 -2.22 -13.93 -11.11
C HIS B 180 -2.69 -13.31 -9.81
N VAL B 181 -2.90 -12.00 -9.77
CA VAL B 181 -3.37 -11.39 -8.54
C VAL B 181 -4.84 -11.10 -8.70
N CYS B 182 -5.54 -10.99 -7.60
CA CYS B 182 -6.96 -10.77 -7.66
C CYS B 182 -7.32 -9.51 -8.41
N MET B 183 -8.38 -9.63 -9.18
CA MET B 183 -9.01 -8.60 -9.99
C MET B 183 -8.27 -8.11 -11.21
N HIS B 184 -7.24 -8.80 -11.64
CA HIS B 184 -6.51 -8.36 -12.82
C HIS B 184 -7.33 -8.14 -14.08
N GLU B 185 -8.47 -8.77 -14.23
CA GLU B 185 -9.26 -8.57 -15.39
C GLU B 185 -10.17 -7.38 -15.34
N LEU B 186 -10.21 -6.66 -14.23
CA LEU B 186 -11.06 -5.50 -14.12
C LEU B 186 -10.26 -4.22 -14.15
N ALA B 187 -10.93 -3.09 -14.34
CA ALA B 187 -10.26 -1.78 -14.24
C ALA B 187 -9.37 -1.66 -12.98
N PRO B 188 -8.22 -1.01 -13.12
CA PRO B 188 -7.39 -0.90 -11.94
C PRO B 188 -8.06 0.00 -10.88
N VAL B 189 -7.78 -0.26 -9.61
CA VAL B 189 -8.34 0.50 -8.50
C VAL B 189 -7.85 1.94 -8.61
N ASP B 190 -8.78 2.88 -8.70
CA ASP B 190 -8.50 4.30 -8.80
C ASP B 190 -8.49 4.96 -7.44
N LEU B 191 -9.32 4.45 -6.53
CA LEU B 191 -9.59 5.14 -5.28
C LEU B 191 -9.89 4.14 -4.18
N VAL B 192 -9.21 4.32 -3.04
CA VAL B 192 -9.38 3.53 -1.86
C VAL B 192 -9.88 4.43 -0.79
N ILE B 193 -11.06 4.11 -0.26
CA ILE B 193 -11.69 4.84 0.80
C ILE B 193 -11.55 4.03 2.10
N ARG B 194 -11.16 4.69 3.19
CA ARG B 194 -11.13 4.05 4.51
C ARG B 194 -11.91 4.90 5.52
N THR B 195 -12.99 4.37 6.05
CA THR B 195 -13.83 5.11 6.98
C THR B 195 -13.31 4.81 8.37
N GLY B 196 -13.75 5.59 9.37
CA GLY B 196 -13.52 5.21 10.76
C GLY B 196 -12.25 5.80 11.38
N GLY B 197 -11.54 6.67 10.68
CA GLY B 197 -10.43 7.42 11.31
C GLY B 197 -9.03 6.80 11.38
N GLU B 198 -8.88 5.52 11.02
CA GLU B 198 -7.53 4.89 10.94
C GLU B 198 -6.89 5.26 9.54
N HIS B 199 -5.59 5.55 9.54
CA HIS B 199 -4.84 5.91 8.34
C HIS B 199 -3.88 4.80 7.96
N ARG B 200 -4.41 3.66 7.59
CA ARG B 200 -3.63 2.52 7.14
C ARG B 200 -4.40 1.67 6.18
N ILE B 201 -3.71 0.80 5.51
CA ILE B 201 -4.27 -0.09 4.53
C ILE B 201 -4.69 -1.40 5.18
N SER B 202 -4.07 -1.71 6.31
CA SER B 202 -4.36 -2.90 7.09
C SER B 202 -4.40 -4.15 6.28
N ASN B 203 -3.39 -4.37 5.50
CA ASN B 203 -3.29 -5.54 4.67
C ASN B 203 -4.49 -5.85 3.79
N PHE B 204 -4.97 -4.83 3.09
CA PHE B 204 -6.05 -4.92 2.11
C PHE B 204 -5.33 -5.05 0.73
N LEU B 205 -5.71 -4.38 -0.34
CA LEU B 205 -5.04 -4.51 -1.59
C LEU B 205 -3.73 -3.84 -1.43
N LEU B 206 -2.69 -4.44 -1.96
CA LEU B 206 -1.38 -3.85 -1.88
C LEU B 206 -0.83 -3.69 -3.28
N TRP B 207 -0.81 -4.77 -4.01
CA TRP B 207 -0.32 -4.74 -5.34
C TRP B 207 -1.18 -3.84 -6.18
N GLN B 208 -2.46 -3.94 -5.94
CA GLN B 208 -3.47 -3.28 -6.75
C GLN B 208 -3.59 -1.78 -6.52
N ILE B 209 -3.04 -1.26 -5.45
CA ILE B 209 -3.27 0.13 -5.11
C ILE B 209 -2.03 0.99 -5.32
N ALA B 210 -1.06 0.45 -6.04
CA ALA B 210 0.15 1.16 -6.39
C ALA B 210 -0.05 2.60 -6.85
N TYR B 211 -1.11 2.83 -7.57
CA TYR B 211 -1.36 4.16 -8.18
C TYR B 211 -2.71 4.72 -7.85
N ALA B 212 -3.41 4.11 -6.91
CA ALA B 212 -4.66 4.68 -6.39
C ALA B 212 -4.60 5.92 -5.47
N GLU B 213 -5.63 6.73 -5.54
CA GLU B 213 -5.86 7.80 -4.58
C GLU B 213 -6.30 7.16 -3.27
N LEU B 214 -5.79 7.63 -2.16
CA LEU B 214 -6.11 7.13 -0.84
C LEU B 214 -6.86 8.20 -0.05
N TYR B 215 -8.06 7.85 0.38
CA TYR B 215 -8.95 8.85 0.98
C TYR B 215 -9.41 8.36 2.35
N PHE B 216 -9.07 9.10 3.40
CA PHE B 216 -9.30 8.67 4.78
C PHE B 216 -10.30 9.67 5.33
N THR B 217 -11.32 9.11 5.97
CA THR B 217 -12.36 9.94 6.56
C THR B 217 -12.65 9.42 7.96
N ASP B 218 -12.90 10.36 8.86
CA ASP B 218 -13.24 10.06 10.24
C ASP B 218 -14.65 9.52 10.38
N VAL B 219 -15.47 9.74 9.37
CA VAL B 219 -16.82 9.20 9.35
C VAL B 219 -16.82 7.68 9.57
N LEU B 220 -17.65 7.22 10.49
CA LEU B 220 -17.79 5.80 10.75
C LEU B 220 -18.64 5.15 9.68
N TRP B 221 -18.32 3.89 9.37
CA TRP B 221 -18.98 3.26 8.21
C TRP B 221 -20.49 3.36 8.23
N PRO B 222 -21.13 3.10 9.36
CA PRO B 222 -22.61 3.15 9.30
C PRO B 222 -23.21 4.52 8.91
N ASP B 223 -22.43 5.56 9.15
CA ASP B 223 -22.78 6.92 8.81
C ASP B 223 -22.32 7.34 7.40
N PHE B 224 -21.40 6.58 6.81
CA PHE B 224 -20.91 6.90 5.49
C PHE B 224 -22.04 6.84 4.47
N ASP B 225 -22.49 7.98 3.98
CA ASP B 225 -23.58 8.06 3.04
C ASP B 225 -23.23 8.53 1.63
N GLU B 226 -24.22 8.87 0.86
CA GLU B 226 -24.02 9.29 -0.51
C GLU B 226 -23.21 10.55 -0.64
N GLN B 227 -23.42 11.47 0.28
CA GLN B 227 -22.71 12.72 0.30
C GLN B 227 -21.25 12.50 0.62
N ASP B 228 -20.97 11.57 1.51
CA ASP B 228 -19.60 11.28 1.86
C ASP B 228 -18.90 10.61 0.68
N PHE B 229 -19.63 9.78 -0.04
CA PHE B 229 -19.08 9.03 -1.18
C PHE B 229 -18.72 10.03 -2.27
N GLU B 230 -19.62 10.98 -2.49
CA GLU B 230 -19.34 12.07 -3.40
C GLU B 230 -18.14 12.89 -3.05
N GLY B 231 -18.00 13.18 -1.76
CA GLY B 231 -16.82 13.94 -1.32
C GLY B 231 -15.59 13.20 -1.80
N ALA B 232 -15.57 11.88 -1.62
CA ALA B 232 -14.40 11.12 -1.97
C ALA B 232 -14.20 11.14 -3.48
N LEU B 233 -15.30 10.99 -4.23
CA LEU B 233 -15.21 11.11 -5.70
C LEU B 233 -14.71 12.50 -6.10
N ASN B 234 -15.09 13.53 -5.36
CA ASN B 234 -14.56 14.88 -5.63
C ASN B 234 -13.07 14.99 -5.45
N ALA B 235 -12.60 14.51 -4.31
CA ALA B 235 -11.15 14.39 -4.08
C ALA B 235 -10.46 13.70 -5.24
N PHE B 236 -11.05 12.62 -5.73
CA PHE B 236 -10.43 11.91 -6.83
C PHE B 236 -10.43 12.82 -8.06
N ALA B 237 -11.53 13.51 -8.28
CA ALA B 237 -11.60 14.41 -9.45
C ALA B 237 -10.49 15.47 -9.47
N ASN B 238 -10.10 16.02 -8.32
CA ASN B 238 -8.96 16.96 -8.21
C ASN B 238 -7.57 16.32 -7.96
#